data_2ZOX
#
_entry.id   2ZOX
#
_cell.length_a   66.120
_cell.length_b   82.529
_cell.length_c   91.673
_cell.angle_alpha   90.00
_cell.angle_beta   90.00
_cell.angle_gamma   90.00
#
_symmetry.space_group_name_H-M   'P 21 21 21'
#
loop_
_entity.id
_entity.type
_entity.pdbx_description
1 polymer 'Cytosolic beta-glucosidase'
2 non-polymer alpha-D-glucopyranose
3 non-polymer '4-nitrophenyl alpha-D-glucopyranoside'
4 non-polymer 'MAGNESIUM ION'
5 non-polymer 'PHOSPHATE ION'
6 non-polymer 'PALMITIC ACID'
7 non-polymer 'OLEIC ACID'
8 non-polymer GLYCEROL
9 water water
#
_entity_poly.entity_id   1
_entity_poly.type   'polypeptide(L)'
_entity_poly.pdbx_seq_one_letter_code
;MAFPAGFGWAAATAAYQVEGGWDADGKGPCVWDTFTHQGGERVFKNQTGDVACGSYTLWEEDLKCIKQLGLTHYRFSLSW
SRLLPDGTTGFINQKGIDYYNKIIDDLLKNGVTPIVTLYHFDLPQTLEDQGGWLSEAIIESFDKYAQFCFSTFGDRVKQW
ITINQANVLSVMSYDLGMFPPGIPHFGTGGYQAAHNLIKAHARSWHSYDSLFRKKQKGMVSLSLFAVWLEPADPNSVSDQ
EAAKRAITFHLDLFAKPIFIDGDYPEVVKSQIASMSQKQGYPSSRLPEFTEEEKKMIKGTADFFAVQYYTTRLIKYQENK
KGELGILQDAEIEFFPDPSWKNVDWIYVVPWGVCKLLKYIKDTYNNPVIYITENGFPQSDPAPLDDTQRWEYFRQTFQEL
FKAIQLDKVNLQVYCAWSLLDNFEWNQGYSSRFGLFHVDFEDPARPRVPYTSAKEYAKIIRNNGLEAHL
;
_entity_poly.pdbx_strand_id   A
#
loop_
_chem_comp.id
_chem_comp.type
_chem_comp.name
_chem_comp.formula
GLC D-saccharide, alpha linking alpha-D-glucopyranose 'C6 H12 O6'
GOL non-polymer GLYCEROL 'C3 H8 O3'
MG non-polymer 'MAGNESIUM ION' 'Mg 2'
OLA non-polymer 'OLEIC ACID' 'C18 H34 O2'
PLM non-polymer 'PALMITIC ACID' 'C16 H32 O2'
PNG D-saccharide '4-nitrophenyl alpha-D-glucopyranoside' 'C12 H15 N O8'
PO4 non-polymer 'PHOSPHATE ION' 'O4 P -3'
#
# COMPACT_ATOMS: atom_id res chain seq x y z
N MET A 1 5.29 -15.69 -23.98
CA MET A 1 4.86 -15.61 -22.54
C MET A 1 3.37 -15.27 -22.42
N ALA A 2 2.53 -16.28 -22.52
CA ALA A 2 1.08 -16.13 -22.37
C ALA A 2 0.68 -16.33 -20.91
N PHE A 3 0.00 -15.33 -20.36
CA PHE A 3 -0.45 -15.36 -18.97
C PHE A 3 -1.75 -16.19 -18.87
N PRO A 4 -2.11 -16.63 -17.65
CA PRO A 4 -3.36 -17.39 -17.51
C PRO A 4 -4.58 -16.66 -18.08
N ALA A 5 -5.51 -17.42 -18.66
CA ALA A 5 -6.74 -16.83 -19.15
C ALA A 5 -7.49 -16.31 -17.94
N GLY A 6 -7.90 -15.05 -18.00
CA GLY A 6 -8.58 -14.42 -16.89
C GLY A 6 -7.65 -13.66 -15.96
N PHE A 7 -6.34 -13.67 -16.25
CA PHE A 7 -5.37 -12.87 -15.49
C PHE A 7 -5.84 -11.42 -15.41
N GLY A 8 -5.64 -10.81 -14.25
CA GLY A 8 -6.10 -9.44 -13.99
C GLY A 8 -5.01 -8.43 -14.30
N TRP A 9 -5.32 -7.48 -15.17
CA TRP A 9 -4.37 -6.41 -15.50
C TRP A 9 -4.98 -5.09 -15.06
N ALA A 10 -4.30 -4.43 -14.12
CA ALA A 10 -4.88 -3.31 -13.40
C ALA A 10 -3.95 -2.10 -13.39
N ALA A 11 -4.47 -0.97 -12.94
CA ALA A 11 -3.65 0.17 -12.53
C ALA A 11 -4.32 0.79 -11.29
N ALA A 12 -3.54 1.55 -10.53
CA ALA A 12 -3.95 2.05 -9.20
C ALA A 12 -3.82 3.55 -9.07
N THR A 13 -4.70 4.11 -8.24
CA THR A 13 -4.56 5.48 -7.71
C THR A 13 -4.95 5.44 -6.24
N ALA A 14 -4.77 6.57 -5.55
CA ALA A 14 -5.21 6.74 -4.16
C ALA A 14 -5.84 8.11 -4.01
N ALA A 15 -6.85 8.19 -3.14
CA ALA A 15 -7.69 9.37 -3.03
C ALA A 15 -6.96 10.69 -2.89
N TYR A 16 -6.05 10.80 -1.91
CA TYR A 16 -5.37 12.10 -1.66
C TYR A 16 -4.39 12.45 -2.78
N GLN A 17 -3.86 11.41 -3.43
CA GLN A 17 -2.87 11.59 -4.50
C GLN A 17 -3.45 12.10 -5.83
N VAL A 18 -4.73 11.83 -6.08
CA VAL A 18 -5.33 12.20 -7.38
C VAL A 18 -6.54 13.14 -7.32
N GLU A 19 -7.27 13.14 -6.20
CA GLU A 19 -8.63 13.67 -6.22
C GLU A 19 -8.74 15.18 -6.28
N GLY A 20 -7.94 15.87 -5.48
CA GLY A 20 -8.19 17.29 -5.21
C GLY A 20 -9.52 17.42 -4.49
N GLY A 21 -10.25 18.50 -4.76
CA GLY A 21 -11.51 18.79 -4.06
C GLY A 21 -11.38 18.58 -2.55
N TRP A 22 -10.25 19.03 -1.99
CA TRP A 22 -9.87 18.75 -0.62
C TRP A 22 -10.86 19.29 0.42
N ASP A 23 -11.58 20.35 0.05
CA ASP A 23 -12.62 20.90 0.92
C ASP A 23 -13.91 21.08 0.15
N ALA A 24 -14.05 20.33 -0.93
CA ALA A 24 -15.22 20.41 -1.78
C ALA A 24 -16.41 19.68 -1.17
N ASP A 25 -17.60 20.23 -1.38
CA ASP A 25 -18.87 19.56 -1.07
C ASP A 25 -18.98 19.03 0.36
N GLY A 26 -18.48 19.80 1.33
CA GLY A 26 -18.54 19.41 2.73
C GLY A 26 -17.47 18.45 3.22
N LYS A 27 -16.48 18.13 2.36
CA LYS A 27 -15.43 17.21 2.78
C LYS A 27 -14.65 17.76 3.97
N GLY A 28 -14.43 16.90 4.97
CA GLY A 28 -13.63 17.25 6.13
C GLY A 28 -12.16 17.15 5.84
N PRO A 29 -11.32 17.84 6.64
CA PRO A 29 -9.88 17.75 6.46
C PRO A 29 -9.33 16.38 6.84
N CYS A 30 -8.33 15.93 6.08
CA CYS A 30 -7.56 14.77 6.45
C CYS A 30 -6.18 15.26 6.84
N VAL A 31 -5.39 14.34 7.37
CA VAL A 31 -4.11 14.67 7.96
C VAL A 31 -3.12 15.28 6.96
N TRP A 32 -3.24 14.90 5.69
CA TRP A 32 -2.42 15.49 4.64
C TRP A 32 -2.86 16.91 4.27
N ASP A 33 -4.14 17.22 4.42
CA ASP A 33 -4.56 18.61 4.20
C ASP A 33 -3.83 19.50 5.19
N THR A 34 -3.90 19.12 6.47
CA THR A 34 -3.28 19.85 7.57
C THR A 34 -1.74 19.91 7.43
N PHE A 35 -1.16 18.75 7.16
CA PHE A 35 0.29 18.60 7.00
C PHE A 35 0.87 19.46 5.88
N THR A 36 0.30 19.34 4.68
CA THR A 36 0.80 20.11 3.52
C THR A 36 0.54 21.61 3.66
N HIS A 37 -0.55 21.98 4.34
CA HIS A 37 -0.85 23.40 4.59
C HIS A 37 0.07 24.05 5.65
N GLN A 38 0.76 23.25 6.45
CA GLN A 38 1.70 23.77 7.45
C GLN A 38 3.07 24.11 6.85
N GLY A 39 3.32 23.69 5.61
CA GLY A 39 4.57 23.97 4.91
C GLY A 39 5.82 23.55 5.68
N GLY A 40 6.83 24.40 5.67
CA GLY A 40 8.08 24.13 6.39
C GLY A 40 8.95 23.13 5.66
N GLU A 41 8.75 23.05 4.35
CA GLU A 41 9.56 22.20 3.45
C GLU A 41 9.55 20.71 3.82
N ARG A 42 8.46 20.23 4.41
CA ARG A 42 8.32 18.80 4.65
C ARG A 42 7.94 18.07 3.35
N VAL A 43 7.40 18.85 2.42
CA VAL A 43 7.03 18.40 1.08
C VAL A 43 7.83 19.25 0.08
N PHE A 44 8.30 18.63 -0.99
CA PHE A 44 8.95 19.32 -2.12
C PHE A 44 8.21 20.61 -2.46
N LYS A 45 8.93 21.74 -2.46
CA LYS A 45 8.37 23.07 -2.78
C LYS A 45 7.03 23.41 -2.11
N ASN A 46 6.82 22.89 -0.89
CA ASN A 46 5.57 23.08 -0.13
C ASN A 46 4.30 22.80 -0.93
N GLN A 47 4.36 21.81 -1.82
CA GLN A 47 3.22 21.45 -2.65
C GLN A 47 2.14 20.77 -1.81
N THR A 48 0.93 20.71 -2.34
CA THR A 48 -0.21 20.14 -1.63
C THR A 48 -1.02 19.26 -2.59
N GLY A 49 -1.94 18.48 -2.03
CA GLY A 49 -2.92 17.74 -2.83
C GLY A 49 -4.24 18.45 -2.95
N ASP A 50 -4.26 19.77 -2.74
CA ASP A 50 -5.50 20.58 -2.86
C ASP A 50 -6.23 20.33 -4.16
N VAL A 51 -5.46 20.24 -5.25
CA VAL A 51 -6.03 19.98 -6.56
C VAL A 51 -5.52 18.63 -7.09
N ALA A 52 -4.22 18.38 -6.95
CA ALA A 52 -3.61 17.16 -7.48
C ALA A 52 -3.98 16.93 -8.96
N CYS A 53 -4.54 15.77 -9.30
CA CYS A 53 -4.96 15.47 -10.68
C CYS A 53 -6.37 15.95 -10.98
N GLY A 54 -7.06 16.43 -9.94
CA GLY A 54 -8.43 16.91 -10.09
C GLY A 54 -9.44 15.81 -10.40
N SER A 55 -9.15 14.60 -9.95
CA SER A 55 -9.99 13.42 -10.24
C SER A 55 -11.38 13.47 -9.61
N TYR A 56 -11.55 14.28 -8.58
CA TYR A 56 -12.87 14.47 -7.99
C TYR A 56 -13.80 15.16 -9.01
N THR A 57 -13.21 16.03 -9.83
CA THR A 57 -13.92 16.80 -10.85
C THR A 57 -13.85 16.12 -12.23
N LEU A 58 -12.75 15.41 -12.47
CA LEU A 58 -12.45 14.86 -13.79
C LEU A 58 -12.43 13.34 -13.81
N TRP A 59 -13.32 12.71 -13.04
CA TRP A 59 -13.46 11.24 -13.11
C TRP A 59 -13.61 10.73 -14.54
N GLU A 60 -14.43 11.41 -15.35
CA GLU A 60 -14.64 11.00 -16.75
C GLU A 60 -13.36 10.82 -17.55
N GLU A 61 -12.37 11.67 -17.26
CA GLU A 61 -11.07 11.63 -17.90
C GLU A 61 -10.24 10.42 -17.46
N ASP A 62 -10.31 10.09 -16.18
CA ASP A 62 -9.68 8.86 -15.67
C ASP A 62 -10.31 7.63 -16.31
N LEU A 63 -11.63 7.66 -16.46
CA LEU A 63 -12.34 6.56 -17.09
C LEU A 63 -11.85 6.34 -18.53
N LYS A 64 -11.73 7.42 -19.30
CA LYS A 64 -11.16 7.36 -20.66
C LYS A 64 -9.80 6.65 -20.64
N CYS A 65 -8.95 7.03 -19.69
CA CYS A 65 -7.62 6.45 -19.56
C CYS A 65 -7.72 4.95 -19.26
N ILE A 66 -8.64 4.59 -18.37
CA ILE A 66 -8.84 3.19 -17.97
C ILE A 66 -9.28 2.35 -19.16
N LYS A 67 -10.24 2.88 -19.91
CA LYS A 67 -10.77 2.24 -21.11
C LYS A 67 -9.71 2.06 -22.20
N GLN A 68 -8.91 3.10 -22.44
CA GLN A 68 -7.84 3.08 -23.44
C GLN A 68 -6.79 2.00 -23.11
N LEU A 69 -6.47 1.82 -21.83
CA LEU A 69 -5.59 0.75 -21.39
C LEU A 69 -6.21 -0.63 -21.57
N GLY A 70 -7.54 -0.72 -21.46
CA GLY A 70 -8.24 -2.01 -21.49
C GLY A 70 -8.08 -2.76 -20.18
N LEU A 71 -7.85 -2.02 -19.10
CA LEU A 71 -7.74 -2.61 -17.77
C LEU A 71 -8.91 -3.53 -17.49
N THR A 72 -8.61 -4.66 -16.86
CA THR A 72 -9.63 -5.57 -16.36
C THR A 72 -10.06 -5.18 -14.93
N HIS A 73 -9.16 -4.54 -14.20
CA HIS A 73 -9.39 -4.10 -12.81
C HIS A 73 -8.87 -2.68 -12.64
N TYR A 74 -9.49 -1.94 -11.72
CA TYR A 74 -8.96 -0.63 -11.33
C TYR A 74 -8.97 -0.50 -9.81
N ARG A 75 -7.81 -0.17 -9.25
CA ARG A 75 -7.66 -0.01 -7.82
C ARG A 75 -7.70 1.47 -7.49
N PHE A 76 -8.62 1.85 -6.61
CA PHE A 76 -8.68 3.22 -6.12
C PHE A 76 -9.00 3.14 -4.63
N SER A 77 -8.91 4.27 -3.94
CA SER A 77 -9.25 4.30 -2.53
C SER A 77 -10.40 5.29 -2.23
N LEU A 78 -11.09 5.03 -1.14
CA LEU A 78 -12.15 5.92 -0.66
C LEU A 78 -11.56 6.89 0.33
N SER A 79 -11.94 8.17 0.20
CA SER A 79 -11.52 9.18 1.15
C SER A 79 -12.46 9.17 2.37
N TRP A 80 -11.96 8.69 3.50
CA TRP A 80 -12.71 8.62 4.75
C TRP A 80 -13.29 9.99 5.14
N SER A 81 -12.47 11.04 5.06
CA SER A 81 -12.89 12.41 5.40
C SER A 81 -13.88 13.00 4.38
N ARG A 82 -13.83 12.54 3.13
CA ARG A 82 -14.84 12.94 2.15
C ARG A 82 -16.21 12.31 2.45
N LEU A 83 -16.21 11.04 2.85
CA LEU A 83 -17.45 10.33 3.11
C LEU A 83 -18.02 10.70 4.47
N LEU A 84 -17.15 10.77 5.47
CA LEU A 84 -17.52 11.09 6.86
C LEU A 84 -16.61 12.21 7.37
N PRO A 85 -17.00 13.48 7.14
CA PRO A 85 -16.14 14.63 7.46
C PRO A 85 -15.52 14.64 8.87
N ASP A 86 -16.23 14.11 9.88
CA ASP A 86 -15.61 14.00 11.21
C ASP A 86 -15.06 12.61 11.58
N GLY A 87 -15.12 11.67 10.64
CA GLY A 87 -14.66 10.29 10.87
C GLY A 87 -15.78 9.34 11.26
N THR A 88 -16.94 9.92 11.61
CA THR A 88 -18.07 9.15 12.13
C THR A 88 -19.30 9.32 11.24
N THR A 89 -20.24 8.37 11.37
CA THR A 89 -21.50 8.42 10.62
C THR A 89 -22.56 9.39 11.20
N GLY A 90 -22.18 10.19 12.19
CA GLY A 90 -23.05 11.27 12.67
C GLY A 90 -23.44 12.21 11.53
N PHE A 91 -22.54 12.37 10.56
CA PHE A 91 -22.74 13.24 9.40
C PHE A 91 -22.18 12.53 8.17
N ILE A 92 -23.05 12.21 7.22
CA ILE A 92 -22.65 11.48 6.02
C ILE A 92 -22.70 12.45 4.84
N ASN A 93 -21.60 12.55 4.10
CA ASN A 93 -21.56 13.42 2.92
C ASN A 93 -22.07 12.69 1.68
N GLN A 94 -23.33 12.96 1.31
CA GLN A 94 -23.96 12.30 0.18
C GLN A 94 -23.27 12.54 -1.16
N LYS A 95 -22.72 13.74 -1.35
CA LYS A 95 -21.93 14.05 -2.54
C LYS A 95 -20.70 13.13 -2.64
N GLY A 96 -20.09 12.81 -1.50
CA GLY A 96 -19.01 11.84 -1.43
C GLY A 96 -19.44 10.45 -1.89
N ILE A 97 -20.59 9.99 -1.37
CA ILE A 97 -21.17 8.71 -1.76
C ILE A 97 -21.48 8.66 -3.25
N ASP A 98 -22.10 9.73 -3.76
CA ASP A 98 -22.49 9.79 -5.17
C ASP A 98 -21.26 9.70 -6.08
N TYR A 99 -20.19 10.36 -5.68
CA TYR A 99 -18.93 10.35 -6.41
C TYR A 99 -18.38 8.91 -6.56
N TYR A 100 -18.24 8.20 -5.44
CA TYR A 100 -17.70 6.83 -5.48
C TYR A 100 -18.65 5.83 -6.14
N ASN A 101 -19.95 6.03 -5.97
CA ASN A 101 -20.93 5.22 -6.70
C ASN A 101 -20.84 5.37 -8.20
N LYS A 102 -20.63 6.61 -8.66
CA LYS A 102 -20.46 6.91 -10.09
C LYS A 102 -19.25 6.18 -10.66
N ILE A 103 -18.11 6.25 -9.95
CA ILE A 103 -16.89 5.48 -10.29
C ILE A 103 -17.18 3.97 -10.42
N ILE A 104 -17.78 3.40 -9.39
CA ILE A 104 -18.12 1.97 -9.35
C ILE A 104 -19.02 1.53 -10.51
N ASP A 105 -20.11 2.26 -10.71
CA ASP A 105 -21.09 1.97 -11.76
C ASP A 105 -20.43 2.11 -13.15
N ASP A 106 -19.70 3.20 -13.35
CA ASP A 106 -18.96 3.42 -14.62
C ASP A 106 -17.98 2.31 -14.93
N LEU A 107 -17.26 1.86 -13.90
CA LEU A 107 -16.31 0.76 -14.05
C LEU A 107 -17.06 -0.50 -14.48
N LEU A 108 -18.10 -0.86 -13.73
CA LEU A 108 -18.85 -2.09 -13.99
C LEU A 108 -19.55 -2.12 -15.36
N LYS A 109 -20.11 -0.99 -15.78
CA LYS A 109 -20.75 -0.95 -17.09
C LYS A 109 -19.71 -1.08 -18.22
N ASN A 110 -18.44 -0.87 -17.89
CA ASN A 110 -17.38 -1.01 -18.86
C ASN A 110 -16.57 -2.30 -18.67
N GLY A 111 -17.11 -3.22 -17.87
CA GLY A 111 -16.49 -4.51 -17.59
C GLY A 111 -15.24 -4.47 -16.73
N VAL A 112 -14.97 -3.34 -16.08
CA VAL A 112 -13.80 -3.21 -15.21
C VAL A 112 -14.22 -3.55 -13.78
N THR A 113 -13.42 -4.38 -13.10
CA THR A 113 -13.71 -4.77 -11.74
C THR A 113 -13.01 -3.82 -10.75
N PRO A 114 -13.78 -3.17 -9.87
CA PRO A 114 -13.17 -2.31 -8.84
C PRO A 114 -12.47 -3.10 -7.75
N ILE A 115 -11.27 -2.64 -7.40
CA ILE A 115 -10.56 -3.11 -6.23
C ILE A 115 -10.49 -1.88 -5.32
N VAL A 116 -11.23 -1.92 -4.21
CA VAL A 116 -11.47 -0.69 -3.44
C VAL A 116 -10.76 -0.69 -2.08
N THR A 117 -10.00 0.36 -1.82
CA THR A 117 -9.27 0.49 -0.54
C THR A 117 -10.02 1.48 0.34
N LEU A 118 -10.25 1.08 1.59
CA LEU A 118 -10.98 1.93 2.55
C LEU A 118 -10.13 3.11 3.02
N TYR A 119 -8.83 2.86 3.19
CA TYR A 119 -7.99 3.82 3.88
C TYR A 119 -6.54 3.77 3.37
N HIS A 120 -6.06 4.92 2.93
CA HIS A 120 -4.75 5.01 2.27
C HIS A 120 -4.01 6.24 2.80
N PHE A 121 -3.37 6.08 3.96
CA PHE A 121 -2.54 7.11 4.60
C PHE A 121 -3.24 8.43 4.97
N ASP A 122 -4.58 8.47 4.90
CA ASP A 122 -5.31 9.75 4.96
C ASP A 122 -6.41 9.85 6.02
N LEU A 123 -6.02 9.71 7.28
CA LEU A 123 -6.95 9.74 8.40
C LEU A 123 -7.69 11.08 8.45
N PRO A 124 -9.01 11.09 8.75
CA PRO A 124 -9.64 12.38 9.09
C PRO A 124 -8.84 13.05 10.21
N GLN A 125 -8.64 14.36 10.13
CA GLN A 125 -7.85 15.08 11.14
C GLN A 125 -8.38 14.88 12.57
N THR A 126 -9.71 14.86 12.70
CA THR A 126 -10.36 14.64 13.99
C THR A 126 -9.86 13.36 14.67
N LEU A 127 -9.73 12.29 13.90
CA LEU A 127 -9.30 11.01 14.46
C LEU A 127 -7.82 11.03 14.81
N GLU A 128 -7.02 11.78 14.04
CA GLU A 128 -5.60 11.96 14.39
C GLU A 128 -5.46 12.79 15.66
N ASP A 129 -6.32 13.81 15.79
CA ASP A 129 -6.35 14.65 17.01
C ASP A 129 -6.69 13.84 18.26
N GLN A 130 -7.43 12.75 18.08
CA GLN A 130 -7.73 11.82 19.16
C GLN A 130 -6.67 10.73 19.36
N GLY A 131 -5.49 10.90 18.75
CA GLY A 131 -4.37 9.98 18.97
C GLY A 131 -4.01 9.10 17.78
N GLY A 132 -4.83 9.13 16.73
CA GLY A 132 -4.59 8.34 15.53
C GLY A 132 -4.44 6.86 15.83
N TRP A 133 -3.48 6.22 15.18
CA TRP A 133 -3.26 4.78 15.36
C TRP A 133 -2.48 4.43 16.65
N LEU A 134 -2.08 5.44 17.42
CA LEU A 134 -1.42 5.20 18.71
C LEU A 134 -2.42 4.93 19.83
N SER A 135 -3.70 5.20 19.55
CA SER A 135 -4.79 5.04 20.51
C SER A 135 -5.77 3.95 20.09
N GLU A 136 -6.27 3.21 21.09
CA GLU A 136 -7.15 2.06 20.90
C GLU A 136 -8.52 2.45 20.36
N ALA A 137 -8.91 3.71 20.60
CA ALA A 137 -10.20 4.26 20.17
C ALA A 137 -10.41 4.18 18.66
N ILE A 138 -9.31 4.25 17.91
CA ILE A 138 -9.33 4.22 16.44
C ILE A 138 -9.86 2.90 15.89
N ILE A 139 -9.68 1.82 16.64
CA ILE A 139 -10.11 0.49 16.18
C ILE A 139 -11.62 0.47 15.90
N GLU A 140 -12.40 1.01 16.84
CA GLU A 140 -13.86 1.07 16.70
CA GLU A 140 -13.85 1.06 16.67
C GLU A 140 -14.26 2.07 15.61
N SER A 141 -13.54 3.18 15.53
CA SER A 141 -13.84 4.19 14.51
C SER A 141 -13.62 3.58 13.12
N PHE A 142 -12.59 2.78 12.98
CA PHE A 142 -12.29 2.18 11.68
C PHE A 142 -13.29 1.10 11.32
N ASP A 143 -13.60 0.25 12.30
CA ASP A 143 -14.58 -0.80 12.11
C ASP A 143 -15.92 -0.25 11.61
N LYS A 144 -16.39 0.82 12.24
CA LYS A 144 -17.66 1.44 11.87
C LYS A 144 -17.63 2.07 10.48
N TYR A 145 -16.51 2.72 10.16
CA TYR A 145 -16.28 3.24 8.81
C TYR A 145 -16.28 2.09 7.77
N ALA A 146 -15.61 0.99 8.11
CA ALA A 146 -15.57 -0.19 7.24
C ALA A 146 -16.99 -0.71 6.98
N GLN A 147 -17.77 -0.82 8.07
CA GLN A 147 -19.14 -1.32 7.94
C GLN A 147 -19.95 -0.40 7.04
N PHE A 148 -19.76 0.91 7.19
CA PHE A 148 -20.46 1.89 6.36
C PHE A 148 -20.08 1.71 4.88
N CYS A 149 -18.79 1.52 4.60
CA CYS A 149 -18.34 1.28 3.21
C CYS A 149 -18.90 -0.01 2.61
N PHE A 150 -18.84 -1.10 3.36
CA PHE A 150 -19.41 -2.39 2.92
C PHE A 150 -20.91 -2.29 2.62
N SER A 151 -21.63 -1.60 3.50
CA SER A 151 -23.07 -1.40 3.35
C SER A 151 -23.40 -0.54 2.12
N THR A 152 -22.60 0.50 1.89
CA THR A 152 -22.91 1.48 0.85
C THR A 152 -22.52 0.99 -0.56
N PHE A 153 -21.39 0.29 -0.66
CA PHE A 153 -20.78 -0.04 -1.96
C PHE A 153 -20.66 -1.54 -2.21
N GLY A 154 -20.79 -2.33 -1.15
CA GLY A 154 -20.54 -3.77 -1.17
C GLY A 154 -21.49 -4.62 -2.00
N ASP A 155 -22.59 -4.03 -2.46
CA ASP A 155 -23.50 -4.71 -3.38
C ASP A 155 -22.89 -4.79 -4.79
N ARG A 156 -21.87 -3.98 -5.04
CA ARG A 156 -21.22 -3.93 -6.35
C ARG A 156 -19.72 -4.18 -6.27
N VAL A 157 -19.12 -3.84 -5.13
CA VAL A 157 -17.69 -4.08 -4.88
C VAL A 157 -17.46 -5.44 -4.21
N LYS A 158 -16.59 -6.28 -4.79
CA LYS A 158 -16.28 -7.60 -4.20
C LYS A 158 -14.82 -7.84 -3.83
N GLN A 159 -13.95 -6.87 -4.13
CA GLN A 159 -12.55 -6.98 -3.74
C GLN A 159 -12.19 -5.72 -2.96
N TRP A 160 -11.80 -5.94 -1.70
CA TRP A 160 -11.59 -4.89 -0.73
C TRP A 160 -10.19 -4.99 -0.14
N ILE A 161 -9.57 -3.84 0.02
CA ILE A 161 -8.35 -3.70 0.81
C ILE A 161 -8.75 -2.80 1.96
N THR A 162 -8.56 -3.26 3.19
CA THR A 162 -8.93 -2.44 4.33
C THR A 162 -7.95 -1.27 4.54
N ILE A 163 -6.66 -1.58 4.67
CA ILE A 163 -5.66 -0.59 5.00
C ILE A 163 -4.52 -0.71 3.98
N ASN A 164 -4.24 0.40 3.27
CA ASN A 164 -3.09 0.44 2.35
C ASN A 164 -1.77 0.38 3.11
N GLN A 165 -0.91 -0.55 2.70
CA GLN A 165 0.50 -0.55 3.11
C GLN A 165 0.69 -0.26 4.59
N ALA A 166 0.04 -1.06 5.45
CA ALA A 166 0.03 -0.82 6.89
C ALA A 166 1.44 -0.80 7.49
N ASN A 167 2.35 -1.60 6.92
CA ASN A 167 3.71 -1.64 7.46
C ASN A 167 4.46 -0.32 7.26
N VAL A 168 4.39 0.21 6.04
CA VAL A 168 5.00 1.50 5.76
C VAL A 168 4.34 2.64 6.54
N LEU A 169 3.00 2.60 6.63
CA LEU A 169 2.25 3.64 7.34
C LEU A 169 2.71 3.74 8.80
N SER A 170 2.83 2.60 9.47
CA SER A 170 3.22 2.60 10.88
C SER A 170 4.61 3.23 11.05
N VAL A 171 5.52 2.93 10.14
CA VAL A 171 6.90 3.48 10.20
C VAL A 171 6.94 4.97 9.86
N MET A 172 6.31 5.35 8.74
CA MET A 172 6.36 6.72 8.22
C MET A 172 5.60 7.71 9.07
N SER A 173 4.39 7.36 9.49
CA SER A 173 3.57 8.26 10.29
C SER A 173 3.99 8.34 11.74
N TYR A 174 4.42 7.22 12.32
CA TYR A 174 4.50 7.08 13.78
C TYR A 174 5.88 6.74 14.35
N ASP A 175 6.77 6.22 13.52
CA ASP A 175 8.12 5.93 13.99
C ASP A 175 9.10 7.02 13.55
N LEU A 176 9.26 7.17 12.24
CA LEU A 176 10.11 8.22 11.68
C LEU A 176 9.42 9.58 11.73
N GLY A 177 8.09 9.59 11.63
CA GLY A 177 7.35 10.83 11.60
C GLY A 177 7.63 11.64 10.34
N MET A 178 7.86 10.94 9.23
CA MET A 178 8.05 11.57 7.92
C MET A 178 6.68 11.98 7.34
N PHE A 179 5.65 11.21 7.69
CA PHE A 179 4.26 11.49 7.32
C PHE A 179 3.57 12.14 8.52
N PRO A 180 2.40 12.78 8.32
CA PRO A 180 1.62 13.25 9.47
C PRO A 180 1.26 12.08 10.39
N PRO A 181 1.25 12.31 11.73
CA PRO A 181 1.34 13.59 12.45
C PRO A 181 2.73 14.23 12.55
N GLY A 182 3.75 13.56 12.00
CA GLY A 182 5.08 14.17 11.84
C GLY A 182 5.95 14.23 13.08
N ILE A 183 5.65 13.40 14.09
CA ILE A 183 6.43 13.35 15.32
C ILE A 183 7.23 12.05 15.36
N PRO A 184 8.56 12.14 15.47
CA PRO A 184 9.36 10.92 15.57
C PRO A 184 9.14 10.21 16.90
N HIS A 185 9.09 8.88 16.85
CA HIS A 185 9.05 8.05 18.04
C HIS A 185 9.85 6.80 17.72
N PHE A 186 11.14 6.99 17.41
CA PHE A 186 12.03 5.88 17.03
C PHE A 186 11.87 4.66 17.93
N GLY A 187 11.53 3.53 17.31
CA GLY A 187 11.46 2.25 18.02
C GLY A 187 10.29 2.04 18.97
N THR A 188 9.36 2.99 19.04
CA THR A 188 8.15 2.82 19.85
C THR A 188 6.86 3.06 19.08
N GLY A 189 6.82 4.15 18.31
CA GLY A 189 5.61 4.59 17.62
C GLY A 189 5.12 3.61 16.56
N GLY A 190 6.05 3.08 15.77
CA GLY A 190 5.72 2.10 14.74
C GLY A 190 5.05 0.87 15.30
N TYR A 191 5.62 0.29 16.36
CA TYR A 191 5.09 -0.93 16.94
C TYR A 191 3.70 -0.71 17.58
N GLN A 192 3.54 0.43 18.25
CA GLN A 192 2.27 0.79 18.87
C GLN A 192 1.18 0.98 17.81
N ALA A 193 1.52 1.70 16.73
CA ALA A 193 0.60 1.83 15.58
C ALA A 193 0.32 0.49 14.89
N ALA A 194 1.36 -0.29 14.59
CA ALA A 194 1.20 -1.63 13.98
C ALA A 194 0.20 -2.52 14.71
N HIS A 195 0.31 -2.55 16.05
CA HIS A 195 -0.55 -3.35 16.91
C HIS A 195 -2.03 -2.97 16.69
N ASN A 196 -2.29 -1.68 16.63
CA ASN A 196 -3.64 -1.18 16.42
C ASN A 196 -4.14 -1.31 14.99
N LEU A 197 -3.24 -1.14 14.02
CA LEU A 197 -3.61 -1.36 12.61
C LEU A 197 -4.00 -2.82 12.35
N ILE A 198 -3.25 -3.76 12.92
CA ILE A 198 -3.56 -5.19 12.75
C ILE A 198 -4.93 -5.53 13.36
N LYS A 199 -5.17 -5.04 14.57
CA LYS A 199 -6.44 -5.26 15.26
C LYS A 199 -7.63 -4.65 14.53
N ALA A 200 -7.45 -3.43 14.01
CA ALA A 200 -8.50 -2.75 13.25
C ALA A 200 -8.79 -3.48 11.92
N HIS A 201 -7.74 -3.91 11.23
CA HIS A 201 -7.95 -4.75 10.05
C HIS A 201 -8.79 -6.00 10.42
N ALA A 202 -8.41 -6.68 11.50
CA ALA A 202 -9.04 -7.95 11.89
C ALA A 202 -10.49 -7.71 12.28
N ARG A 203 -10.72 -6.65 13.05
CA ARG A 203 -12.08 -6.27 13.43
C ARG A 203 -12.92 -6.03 12.19
N SER A 204 -12.38 -5.29 11.22
CA SER A 204 -13.11 -5.02 9.97
C SER A 204 -13.39 -6.29 9.14
N TRP A 205 -12.44 -7.23 9.14
CA TRP A 205 -12.62 -8.51 8.42
C TRP A 205 -13.78 -9.33 9.01
N HIS A 206 -13.84 -9.39 10.34
CA HIS A 206 -14.91 -10.11 11.03
C HIS A 206 -16.26 -9.45 10.82
N SER A 207 -16.29 -8.11 10.80
CA SER A 207 -17.50 -7.38 10.41
C SER A 207 -17.97 -7.77 9.01
N TYR A 208 -17.05 -7.83 8.05
CA TYR A 208 -17.40 -8.28 6.70
C TYR A 208 -17.91 -9.72 6.68
N ASP A 209 -17.13 -10.61 7.28
CA ASP A 209 -17.46 -12.03 7.38
C ASP A 209 -18.85 -12.28 8.01
N SER A 210 -19.09 -11.65 9.17
CA SER A 210 -20.30 -11.89 9.97
CA SER A 210 -20.30 -11.90 9.95
C SER A 210 -21.54 -11.14 9.47
N LEU A 211 -21.33 -9.98 8.85
CA LEU A 211 -22.46 -9.12 8.45
C LEU A 211 -22.72 -9.02 6.95
N PHE A 212 -21.68 -9.16 6.13
CA PHE A 212 -21.79 -8.82 4.73
C PHE A 212 -21.48 -9.95 3.74
N ARG A 213 -20.60 -10.87 4.13
CA ARG A 213 -20.13 -11.90 3.20
C ARG A 213 -21.23 -12.78 2.58
N LYS A 214 -22.18 -13.23 3.40
CA LYS A 214 -23.23 -14.14 2.91
C LYS A 214 -23.99 -13.52 1.74
N LYS A 215 -24.39 -12.26 1.91
CA LYS A 215 -25.06 -11.47 0.88
C LYS A 215 -24.12 -11.12 -0.28
N GLN A 216 -22.95 -10.60 0.06
CA GLN A 216 -22.13 -9.89 -0.91
C GLN A 216 -21.09 -10.77 -1.60
N LYS A 217 -20.60 -11.79 -0.89
CA LYS A 217 -19.75 -12.84 -1.46
C LYS A 217 -18.43 -12.30 -2.06
N GLY A 218 -17.89 -11.26 -1.42
CA GLY A 218 -16.63 -10.69 -1.88
C GLY A 218 -15.49 -11.20 -1.04
N MET A 219 -14.34 -10.56 -1.16
CA MET A 219 -13.23 -10.92 -0.30
C MET A 219 -12.49 -9.67 0.16
N VAL A 220 -11.77 -9.83 1.27
CA VAL A 220 -11.19 -8.73 2.00
C VAL A 220 -9.76 -9.06 2.37
N SER A 221 -8.87 -8.09 2.20
CA SER A 221 -7.49 -8.21 2.66
C SER A 221 -6.94 -6.84 3.04
N LEU A 222 -5.63 -6.77 3.26
CA LEU A 222 -4.90 -5.52 3.46
C LEU A 222 -3.61 -5.63 2.66
N SER A 223 -3.11 -4.51 2.14
CA SER A 223 -1.92 -4.58 1.31
C SER A 223 -0.65 -4.33 2.11
N LEU A 224 0.45 -4.97 1.70
CA LEU A 224 1.70 -4.88 2.44
C LEU A 224 2.85 -4.63 1.47
N PHE A 225 3.73 -3.71 1.86
CA PHE A 225 4.97 -3.43 1.12
C PHE A 225 5.99 -4.52 1.38
N ALA A 226 6.68 -4.95 0.32
CA ALA A 226 7.76 -5.93 0.44
C ALA A 226 8.96 -5.49 -0.40
N VAL A 227 10.10 -5.35 0.25
CA VAL A 227 11.38 -5.22 -0.45
C VAL A 227 12.03 -6.58 -0.39
N TRP A 228 12.39 -7.13 -1.55
CA TRP A 228 13.14 -8.38 -1.53
C TRP A 228 14.51 -8.12 -0.94
N LEU A 229 15.02 -9.08 -0.17
CA LEU A 229 16.28 -8.89 0.53
C LEU A 229 17.21 -10.10 0.38
N GLU A 230 18.47 -9.80 0.09
CA GLU A 230 19.53 -10.81 -0.08
C GLU A 230 20.68 -10.47 0.87
N PRO A 231 21.41 -11.49 1.37
CA PRO A 231 22.57 -11.19 2.21
C PRO A 231 23.65 -10.44 1.45
N ALA A 232 24.23 -9.40 2.05
CA ALA A 232 25.30 -8.61 1.42
C ALA A 232 26.49 -9.49 1.02
N ASP A 233 26.97 -10.28 1.97
CA ASP A 233 27.98 -11.31 1.71
C ASP A 233 27.26 -12.66 1.79
N PRO A 234 27.12 -13.36 0.65
CA PRO A 234 26.39 -14.63 0.55
C PRO A 234 26.99 -15.79 1.33
N ASN A 235 28.23 -15.63 1.79
CA ASN A 235 28.92 -16.69 2.54
C ASN A 235 28.88 -16.47 4.05
N SER A 236 28.43 -15.28 4.43
CA SER A 236 28.29 -14.90 5.83
C SER A 236 26.96 -15.43 6.37
N VAL A 237 27.04 -16.29 7.38
CA VAL A 237 25.85 -16.81 8.07
C VAL A 237 25.09 -15.68 8.77
N SER A 238 25.83 -14.78 9.41
CA SER A 238 25.23 -13.64 10.10
C SER A 238 24.48 -12.72 9.13
N ASP A 239 25.01 -12.58 7.92
CA ASP A 239 24.34 -11.84 6.85
C ASP A 239 23.13 -12.60 6.30
N GLN A 240 23.27 -13.92 6.18
CA GLN A 240 22.19 -14.80 5.72
C GLN A 240 21.00 -14.78 6.68
N GLU A 241 21.28 -14.80 7.98
CA GLU A 241 20.25 -14.74 9.00
C GLU A 241 19.66 -13.33 9.10
N ALA A 242 20.52 -12.33 8.91
CA ALA A 242 20.08 -10.92 8.96
C ALA A 242 19.11 -10.56 7.84
N ALA A 243 19.35 -11.07 6.63
CA ALA A 243 18.45 -10.85 5.49
C ALA A 243 17.08 -11.51 5.70
N LYS A 244 17.07 -12.74 6.24
CA LYS A 244 15.84 -13.43 6.58
C LYS A 244 15.08 -12.70 7.70
N ARG A 245 15.83 -12.26 8.70
CA ARG A 245 15.26 -11.57 9.86
C ARG A 245 14.69 -10.21 9.47
N ALA A 246 15.28 -9.55 8.48
CA ALA A 246 14.79 -8.26 8.01
C ALA A 246 13.52 -8.40 7.14
N ILE A 247 13.36 -9.54 6.47
CA ILE A 247 12.12 -9.86 5.79
C ILE A 247 11.05 -10.09 6.86
N THR A 248 11.42 -10.84 7.89
CA THR A 248 10.49 -11.17 8.99
C THR A 248 9.99 -9.90 9.69
N PHE A 249 10.88 -8.92 9.84
CA PHE A 249 10.55 -7.67 10.52
C PHE A 249 9.62 -6.77 9.72
N HIS A 250 9.87 -6.62 8.42
CA HIS A 250 9.08 -5.65 7.62
C HIS A 250 7.79 -6.21 7.02
N LEU A 251 7.78 -7.52 6.74
CA LEU A 251 6.66 -8.13 6.04
C LEU A 251 5.93 -9.10 6.96
N ASP A 252 6.64 -10.08 7.50
CA ASP A 252 6.00 -11.12 8.30
C ASP A 252 5.44 -10.62 9.64
N LEU A 253 5.95 -9.49 10.14
CA LEU A 253 5.43 -8.90 11.38
C LEU A 253 3.92 -8.71 11.28
N PHE A 254 3.46 -8.25 10.10
CA PHE A 254 2.04 -8.09 9.82
C PHE A 254 1.39 -9.35 9.27
N ALA A 255 2.09 -10.05 8.38
CA ALA A 255 1.49 -11.13 7.61
C ALA A 255 1.28 -12.39 8.44
N LYS A 256 2.22 -12.70 9.33
CA LYS A 256 2.08 -13.90 10.17
C LYS A 256 0.81 -13.86 11.04
N PRO A 257 0.61 -12.79 11.83
CA PRO A 257 -0.61 -12.81 12.66
C PRO A 257 -1.89 -12.94 11.84
N ILE A 258 -1.98 -12.16 10.76
CA ILE A 258 -3.19 -12.11 9.94
C ILE A 258 -3.43 -13.40 9.13
N PHE A 259 -2.37 -13.97 8.56
CA PHE A 259 -2.49 -15.15 7.69
C PHE A 259 -2.28 -16.49 8.42
N ILE A 260 -1.50 -16.50 9.50
CA ILE A 260 -1.08 -17.78 10.09
C ILE A 260 -1.75 -18.10 11.43
N ASP A 261 -1.36 -17.39 12.49
CA ASP A 261 -1.74 -17.81 13.84
C ASP A 261 -2.11 -16.68 14.79
N GLY A 262 -2.28 -15.45 14.27
CA GLY A 262 -2.68 -14.33 15.11
C GLY A 262 -1.63 -13.74 16.03
N ASP A 263 -0.36 -14.14 15.88
CA ASP A 263 0.73 -13.57 16.67
C ASP A 263 1.89 -13.13 15.80
N TYR A 264 2.74 -12.27 16.35
CA TYR A 264 3.96 -11.83 15.69
C TYR A 264 4.93 -13.00 15.46
N PRO A 265 5.87 -12.84 14.52
CA PRO A 265 6.96 -13.82 14.44
C PRO A 265 7.75 -13.87 15.73
N GLU A 266 8.21 -15.06 16.10
CA GLU A 266 8.94 -15.24 17.34
C GLU A 266 10.21 -14.40 17.45
N VAL A 267 10.96 -14.28 16.34
CA VAL A 267 12.22 -13.52 16.36
C VAL A 267 11.99 -12.02 16.57
N VAL A 268 10.87 -11.52 16.07
CA VAL A 268 10.46 -10.15 16.30
C VAL A 268 10.19 -9.94 17.79
N LYS A 269 9.40 -10.84 18.38
CA LYS A 269 9.05 -10.75 19.79
C LYS A 269 10.27 -10.82 20.71
N SER A 270 11.20 -11.74 20.43
CA SER A 270 12.36 -11.94 21.29
C SER A 270 13.40 -10.83 21.14
N GLN A 271 13.68 -10.39 19.91
CA GLN A 271 14.61 -9.29 19.68
C GLN A 271 14.16 -8.02 20.39
N ILE A 272 12.90 -7.63 20.16
CA ILE A 272 12.38 -6.38 20.74
C ILE A 272 12.28 -6.47 22.28
N ALA A 273 11.78 -7.59 22.79
CA ALA A 273 11.68 -7.77 24.24
C ALA A 273 13.06 -7.67 24.91
N SER A 274 14.03 -8.36 24.33
CA SER A 274 15.40 -8.37 24.85
C SER A 274 16.07 -6.99 24.82
N MET A 275 15.92 -6.27 23.70
CA MET A 275 16.43 -4.90 23.58
C MET A 275 15.75 -3.95 24.56
N SER A 276 14.40 -4.01 24.62
CA SER A 276 13.61 -3.14 25.49
C SER A 276 14.01 -3.30 26.96
N GLN A 277 14.31 -4.54 27.34
CA GLN A 277 14.68 -4.87 28.71
C GLN A 277 16.03 -4.24 29.07
N LYS A 278 17.01 -4.40 28.17
CA LYS A 278 18.33 -3.81 28.38
C LYS A 278 18.31 -2.29 28.30
N GLN A 279 17.29 -1.73 27.64
CA GLN A 279 17.15 -0.28 27.52
C GLN A 279 16.47 0.36 28.74
N GLY A 280 15.95 -0.46 29.64
CA GLY A 280 15.30 0.04 30.86
C GLY A 280 13.79 0.22 30.80
N TYR A 281 13.15 -0.29 29.75
CA TYR A 281 11.69 -0.31 29.70
C TYR A 281 11.13 -1.44 30.58
N PRO A 282 10.00 -1.17 31.28
CA PRO A 282 9.30 -2.21 32.05
C PRO A 282 8.46 -3.17 31.18
N SER A 283 8.22 -2.77 29.93
CA SER A 283 7.49 -3.62 28.99
C SER A 283 8.27 -3.69 27.68
N SER A 284 8.04 -4.72 26.87
CA SER A 284 8.60 -4.68 25.51
C SER A 284 7.96 -3.51 24.76
N ARG A 285 8.75 -2.87 23.90
CA ARG A 285 8.24 -1.80 23.04
C ARG A 285 7.23 -2.31 22.02
N LEU A 286 7.25 -3.63 21.78
CA LEU A 286 6.24 -4.31 20.97
C LEU A 286 5.06 -4.73 21.83
N PRO A 287 3.87 -4.13 21.61
CA PRO A 287 2.69 -4.50 22.40
C PRO A 287 2.27 -5.94 22.10
N GLU A 288 2.02 -6.71 23.15
CA GLU A 288 1.52 -8.09 23.01
C GLU A 288 0.09 -8.14 22.51
N PHE A 289 -0.22 -9.16 21.72
CA PHE A 289 -1.61 -9.49 21.45
C PHE A 289 -2.08 -10.39 22.59
N THR A 290 -3.23 -10.05 23.19
CA THR A 290 -3.86 -10.93 24.17
C THR A 290 -4.26 -12.25 23.49
N GLU A 291 -4.65 -13.23 24.27
CA GLU A 291 -5.14 -14.49 23.71
C GLU A 291 -6.42 -14.28 22.87
N GLU A 292 -7.33 -13.44 23.37
CA GLU A 292 -8.56 -13.11 22.67
C GLU A 292 -8.24 -12.40 21.34
N GLU A 293 -7.25 -11.53 21.37
CA GLU A 293 -6.80 -10.83 20.16
C GLU A 293 -6.20 -11.77 19.10
N LYS A 294 -5.33 -12.69 19.53
CA LYS A 294 -4.75 -13.69 18.62
C LYS A 294 -5.86 -14.50 17.94
N LYS A 295 -6.87 -14.83 18.73
CA LYS A 295 -8.02 -15.59 18.23
C LYS A 295 -8.80 -14.77 17.20
N MET A 296 -8.90 -13.47 17.45
CA MET A 296 -9.59 -12.54 16.54
C MET A 296 -8.80 -12.28 15.24
N ILE A 297 -7.48 -12.19 15.36
CA ILE A 297 -6.63 -11.76 14.25
C ILE A 297 -6.33 -12.89 13.27
N LYS A 298 -6.22 -14.11 13.79
CA LYS A 298 -5.88 -15.27 12.97
C LYS A 298 -6.87 -15.47 11.82
N GLY A 299 -6.35 -15.66 10.60
CA GLY A 299 -7.15 -15.98 9.42
C GLY A 299 -8.07 -14.87 8.93
N THR A 300 -7.58 -13.64 8.99
CA THR A 300 -8.37 -12.48 8.56
C THR A 300 -7.97 -11.87 7.22
N ALA A 301 -7.59 -12.72 6.26
CA ALA A 301 -7.27 -12.26 4.92
C ALA A 301 -7.69 -13.29 3.88
N ASP A 302 -8.40 -12.84 2.85
CA ASP A 302 -8.95 -13.74 1.85
C ASP A 302 -8.02 -13.93 0.65
N PHE A 303 -6.98 -13.10 0.59
CA PHE A 303 -5.96 -13.19 -0.46
C PHE A 303 -4.77 -12.37 0.03
N PHE A 304 -3.61 -12.56 -0.62
CA PHE A 304 -2.42 -11.87 -0.21
C PHE A 304 -2.20 -10.69 -1.16
N ALA A 305 -2.27 -9.48 -0.60
CA ALA A 305 -2.05 -8.27 -1.39
C ALA A 305 -0.67 -7.72 -1.09
N VAL A 306 0.19 -7.73 -2.10
CA VAL A 306 1.57 -7.35 -1.90
C VAL A 306 1.97 -6.24 -2.85
N GLN A 307 2.98 -5.46 -2.44
CA GLN A 307 3.42 -4.31 -3.20
C GLN A 307 4.94 -4.40 -3.31
N TYR A 308 5.44 -4.50 -4.54
CA TYR A 308 6.87 -4.68 -4.77
C TYR A 308 7.40 -3.61 -5.72
N TYR A 309 8.54 -3.02 -5.34
CA TYR A 309 9.25 -2.10 -6.24
C TYR A 309 10.72 -2.43 -6.43
N THR A 310 11.34 -2.97 -5.37
CA THR A 310 12.80 -3.00 -5.31
C THR A 310 13.38 -4.08 -4.36
N THR A 311 14.71 -4.17 -4.37
CA THR A 311 15.49 -5.14 -3.59
C THR A 311 16.63 -4.38 -2.89
N ARG A 312 17.11 -4.92 -1.79
CA ARG A 312 18.30 -4.40 -1.12
C ARG A 312 19.13 -5.54 -0.56
N LEU A 313 20.39 -5.22 -0.28
CA LEU A 313 21.32 -6.13 0.37
C LEU A 313 21.29 -5.84 1.86
N ILE A 314 21.52 -6.88 2.65
CA ILE A 314 21.47 -6.77 4.11
C ILE A 314 22.76 -7.29 4.75
N LYS A 315 23.37 -6.43 5.56
CA LYS A 315 24.49 -6.82 6.41
C LYS A 315 24.05 -6.78 7.87
N TYR A 316 24.45 -7.81 8.63
CA TYR A 316 24.28 -7.83 10.08
C TYR A 316 24.96 -6.61 10.68
N GLN A 317 24.32 -6.04 11.71
CA GLN A 317 24.91 -4.95 12.45
C GLN A 317 24.49 -5.03 13.91
N GLU A 318 25.39 -5.56 14.73
CA GLU A 318 25.11 -5.75 16.14
C GLU A 318 24.79 -4.43 16.82
N ASN A 319 23.67 -4.41 17.54
CA ASN A 319 23.28 -3.23 18.32
C ASN A 319 23.91 -3.35 19.70
N LYS A 320 25.22 -3.15 19.74
CA LYS A 320 26.01 -3.30 20.96
C LYS A 320 25.61 -2.29 22.03
N LYS A 321 25.31 -1.07 21.60
CA LYS A 321 25.05 0.04 22.52
C LYS A 321 23.57 0.18 22.87
N GLY A 322 22.74 -0.69 22.30
CA GLY A 322 21.30 -0.68 22.57
C GLY A 322 20.60 0.57 22.07
N GLU A 323 21.06 1.09 20.93
CA GLU A 323 20.40 2.20 20.25
C GLU A 323 18.93 1.90 19.94
N LEU A 324 18.12 2.95 19.91
CA LEU A 324 16.67 2.84 19.81
C LEU A 324 16.14 3.02 18.37
N GLY A 325 15.51 1.98 17.86
CA GLY A 325 14.90 2.02 16.53
C GLY A 325 14.65 0.65 15.98
N ILE A 326 13.88 0.58 14.90
CA ILE A 326 13.48 -0.68 14.27
C ILE A 326 14.66 -1.34 13.57
N LEU A 327 15.48 -0.56 12.88
CA LEU A 327 16.69 -1.09 12.23
C LEU A 327 17.64 -1.68 13.27
N GLN A 328 17.73 -1.01 14.42
CA GLN A 328 18.60 -1.44 15.51
C GLN A 328 18.03 -2.66 16.24
N ASP A 329 16.69 -2.76 16.30
CA ASP A 329 16.04 -3.95 16.87
C ASP A 329 16.34 -5.15 16.00
N ALA A 330 16.25 -4.95 14.69
CA ALA A 330 16.47 -6.00 13.71
C ALA A 330 17.96 -6.32 13.56
N GLU A 331 18.81 -5.38 14.01
CA GLU A 331 20.27 -5.51 13.93
C GLU A 331 20.75 -5.71 12.49
N ILE A 332 20.37 -4.77 11.63
CA ILE A 332 20.69 -4.84 10.21
C ILE A 332 21.08 -3.47 9.64
N GLU A 333 21.87 -3.49 8.57
CA GLU A 333 22.02 -2.33 7.71
C GLU A 333 21.63 -2.74 6.28
N PHE A 334 21.02 -1.83 5.53
CA PHE A 334 20.65 -2.12 4.15
C PHE A 334 21.34 -1.15 3.19
N PHE A 335 21.55 -1.61 1.95
CA PHE A 335 22.17 -0.82 0.90
C PHE A 335 22.03 -1.56 -0.44
N PRO A 336 22.05 -0.82 -1.56
CA PRO A 336 21.96 -1.49 -2.85
C PRO A 336 23.31 -2.06 -3.29
N ASP A 337 23.25 -2.99 -4.25
CA ASP A 337 24.43 -3.42 -4.98
C ASP A 337 24.82 -2.24 -5.88
N PRO A 338 26.08 -1.81 -5.83
CA PRO A 338 26.50 -0.67 -6.65
C PRO A 338 26.32 -0.88 -8.16
N SER A 339 26.20 -2.13 -8.60
CA SER A 339 25.98 -2.44 -10.02
C SER A 339 24.54 -2.21 -10.52
N TRP A 340 23.58 -2.16 -9.60
CA TRP A 340 22.16 -1.95 -9.96
C TRP A 340 21.84 -0.55 -10.47
N LYS A 341 20.97 -0.48 -11.47
CA LYS A 341 20.43 0.80 -11.90
C LYS A 341 19.34 1.25 -10.93
N ASN A 342 19.16 2.57 -10.81
CA ASN A 342 18.08 3.10 -9.98
C ASN A 342 17.44 4.33 -10.57
N VAL A 343 16.15 4.49 -10.26
CA VAL A 343 15.47 5.76 -10.41
C VAL A 343 14.87 6.03 -9.05
N ASP A 344 15.44 7.03 -8.35
CA ASP A 344 15.13 7.27 -6.95
C ASP A 344 15.53 6.09 -6.09
N TRP A 345 14.71 5.79 -5.08
CA TRP A 345 14.93 4.64 -4.21
C TRP A 345 14.59 3.32 -4.88
N ILE A 346 14.03 3.39 -6.09
CA ILE A 346 13.69 2.17 -6.84
C ILE A 346 14.90 1.70 -7.66
N TYR A 347 15.72 0.86 -7.03
CA TYR A 347 16.76 0.14 -7.75
C TYR A 347 16.09 -0.98 -8.52
N VAL A 348 16.40 -1.03 -9.82
CA VAL A 348 15.75 -1.97 -10.73
C VAL A 348 16.35 -3.37 -10.58
N VAL A 349 15.60 -4.23 -9.91
CA VAL A 349 16.01 -5.61 -9.63
C VAL A 349 14.79 -6.49 -9.85
N PRO A 350 14.48 -6.82 -11.12
CA PRO A 350 13.23 -7.49 -11.47
C PRO A 350 13.08 -8.89 -10.89
N TRP A 351 14.19 -9.64 -10.81
CA TRP A 351 14.18 -10.99 -10.22
C TRP A 351 13.82 -10.97 -8.73
N GLY A 352 13.93 -9.80 -8.12
CA GLY A 352 13.38 -9.55 -6.79
C GLY A 352 11.92 -9.94 -6.63
N VAL A 353 11.10 -9.65 -7.65
CA VAL A 353 9.66 -9.96 -7.57
C VAL A 353 9.38 -11.46 -7.66
N CYS A 354 10.17 -12.18 -8.46
CA CYS A 354 10.04 -13.63 -8.56
C CYS A 354 10.39 -14.30 -7.22
N LYS A 355 11.51 -13.90 -6.63
CA LYS A 355 11.94 -14.41 -5.33
C LYS A 355 10.91 -14.15 -4.24
N LEU A 356 10.38 -12.92 -4.21
CA LEU A 356 9.30 -12.54 -3.30
C LEU A 356 8.04 -13.38 -3.47
N LEU A 357 7.57 -13.53 -4.70
CA LEU A 357 6.38 -14.34 -4.96
C LEU A 357 6.57 -15.79 -4.53
N LYS A 358 7.75 -16.34 -4.78
CA LYS A 358 8.10 -17.68 -4.28
C LYS A 358 8.07 -17.74 -2.75
N TYR A 359 8.64 -16.71 -2.10
CA TYR A 359 8.62 -16.62 -0.63
C TYR A 359 7.19 -16.59 -0.04
N ILE A 360 6.29 -15.87 -0.71
CA ILE A 360 4.88 -15.80 -0.27
C ILE A 360 4.20 -17.15 -0.46
N LYS A 361 4.41 -17.77 -1.60
CA LYS A 361 3.86 -19.11 -1.85
C LYS A 361 4.28 -20.08 -0.74
N ASP A 362 5.58 -20.10 -0.44
CA ASP A 362 6.17 -21.05 0.52
C ASP A 362 5.83 -20.75 1.97
N THR A 363 5.69 -19.47 2.32
CA THR A 363 5.47 -19.05 3.71
C THR A 363 3.98 -18.96 4.06
N TYR A 364 3.16 -18.58 3.08
CA TYR A 364 1.73 -18.35 3.35
C TYR A 364 0.79 -19.35 2.68
N ASN A 365 1.25 -20.59 2.58
CA ASN A 365 0.46 -21.72 2.08
C ASN A 365 -0.21 -21.46 0.73
N ASN A 366 0.61 -21.03 -0.23
CA ASN A 366 0.18 -20.91 -1.63
C ASN A 366 -1.12 -20.09 -1.77
N PRO A 367 -1.11 -18.82 -1.33
CA PRO A 367 -2.35 -18.04 -1.38
C PRO A 367 -2.59 -17.48 -2.77
N VAL A 368 -3.82 -17.01 -3.00
CA VAL A 368 -4.10 -16.08 -4.09
C VAL A 368 -3.28 -14.82 -3.81
N ILE A 369 -2.52 -14.38 -4.81
CA ILE A 369 -1.75 -13.14 -4.71
C ILE A 369 -2.22 -12.09 -5.72
N TYR A 370 -2.47 -10.87 -5.22
CA TYR A 370 -2.64 -9.68 -6.03
C TYR A 370 -1.40 -8.82 -5.79
N ILE A 371 -0.67 -8.47 -6.85
CA ILE A 371 0.32 -7.41 -6.75
C ILE A 371 -0.45 -6.10 -6.94
N THR A 372 -0.65 -5.33 -5.87
CA THR A 372 -1.48 -4.12 -5.98
C THR A 372 -0.67 -2.86 -6.27
N GLU A 373 0.64 -2.96 -6.16
CA GLU A 373 1.56 -1.92 -6.66
C GLU A 373 2.81 -2.54 -7.27
N ASN A 374 3.22 -1.99 -8.41
CA ASN A 374 4.55 -2.20 -9.00
C ASN A 374 4.71 -1.09 -10.03
N GLY A 375 5.91 -0.53 -10.16
CA GLY A 375 6.11 0.54 -11.14
C GLY A 375 7.46 1.23 -11.00
N PHE A 376 7.59 2.34 -11.73
CA PHE A 376 8.86 3.05 -11.88
C PHE A 376 8.58 4.55 -12.06
N PRO A 377 9.24 5.38 -11.25
CA PRO A 377 9.06 6.81 -11.38
C PRO A 377 9.99 7.42 -12.43
N GLN A 378 9.58 8.55 -12.98
CA GLN A 378 10.46 9.39 -13.77
C GLN A 378 10.57 10.75 -13.09
N SER A 379 11.75 11.36 -13.19
CA SER A 379 11.98 12.69 -12.64
C SER A 379 11.21 13.70 -13.49
N ASP A 380 10.70 14.73 -12.84
CA ASP A 380 10.07 15.85 -13.52
C ASP A 380 11.15 16.85 -13.93
N PRO A 381 11.16 17.27 -15.22
CA PRO A 381 10.25 16.89 -16.30
C PRO A 381 10.57 15.53 -16.95
N ALA A 382 9.53 14.81 -17.32
CA ALA A 382 9.65 13.44 -17.79
C ALA A 382 9.32 13.31 -19.28
N PRO A 383 10.13 12.55 -20.03
CA PRO A 383 9.84 12.32 -21.45
C PRO A 383 8.60 11.44 -21.64
N LEU A 384 7.74 11.78 -22.60
CA LEU A 384 6.56 10.98 -22.94
C LEU A 384 6.92 9.64 -23.58
N ASP A 385 7.98 9.64 -24.39
CA ASP A 385 8.47 8.42 -25.00
C ASP A 385 9.43 7.73 -24.03
N ASP A 386 8.88 7.18 -22.95
CA ASP A 386 9.66 6.62 -21.85
C ASP A 386 10.14 5.18 -22.12
N THR A 387 10.94 5.00 -23.17
CA THR A 387 11.39 3.66 -23.60
C THR A 387 12.23 2.94 -22.56
N GLN A 388 13.07 3.67 -21.83
CA GLN A 388 13.87 3.04 -20.80
C GLN A 388 12.98 2.48 -19.68
N ARG A 389 12.03 3.29 -19.20
CA ARG A 389 11.11 2.82 -18.17
C ARG A 389 10.33 1.61 -18.66
N TRP A 390 9.83 1.66 -19.90
CA TRP A 390 9.06 0.53 -20.41
C TRP A 390 9.88 -0.77 -20.40
N GLU A 391 11.18 -0.65 -20.66
CA GLU A 391 12.10 -1.77 -20.59
C GLU A 391 12.11 -2.40 -19.20
N TYR A 392 12.04 -1.58 -18.16
CA TYR A 392 11.98 -2.10 -16.79
C TYR A 392 10.67 -2.84 -16.53
N PHE A 393 9.57 -2.33 -17.09
CA PHE A 393 8.28 -3.02 -17.00
C PHE A 393 8.33 -4.40 -17.67
N ARG A 394 8.81 -4.46 -18.92
CA ARG A 394 8.90 -5.71 -19.67
CA ARG A 394 8.81 -5.74 -19.61
C ARG A 394 9.69 -6.77 -18.91
N GLN A 395 10.83 -6.36 -18.35
CA GLN A 395 11.67 -7.26 -17.56
C GLN A 395 10.91 -7.80 -16.34
N THR A 396 10.16 -6.91 -15.69
CA THR A 396 9.38 -7.30 -14.53
C THR A 396 8.32 -8.36 -14.92
N PHE A 397 7.62 -8.13 -16.04
CA PHE A 397 6.61 -9.07 -16.56
C PHE A 397 7.15 -10.44 -16.90
N GLN A 398 8.40 -10.50 -17.36
CA GLN A 398 9.08 -11.78 -17.61
C GLN A 398 9.28 -12.54 -16.31
N GLU A 399 9.55 -11.81 -15.23
CA GLU A 399 9.74 -12.43 -13.92
C GLU A 399 8.41 -12.90 -13.32
N LEU A 400 7.34 -12.15 -13.59
CA LEU A 400 5.99 -12.55 -13.20
C LEU A 400 5.56 -13.84 -13.90
N PHE A 401 5.82 -13.92 -15.21
CA PHE A 401 5.55 -15.14 -15.98
C PHE A 401 6.34 -16.32 -15.42
N LYS A 402 7.62 -16.07 -15.11
CA LYS A 402 8.49 -17.07 -14.49
C LYS A 402 7.94 -17.58 -13.16
N ALA A 403 7.51 -16.66 -12.28
CA ALA A 403 6.90 -17.05 -11.01
C ALA A 403 5.66 -17.92 -11.20
N ILE A 404 4.81 -17.55 -12.17
CA ILE A 404 3.58 -18.30 -12.45
C ILE A 404 3.86 -19.67 -13.08
N GLN A 405 4.70 -19.70 -14.12
CA GLN A 405 4.93 -20.90 -14.92
C GLN A 405 5.96 -21.85 -14.33
N LEU A 406 7.02 -21.31 -13.77
CA LEU A 406 8.04 -22.14 -13.16
C LEU A 406 7.74 -22.44 -11.70
N ASP A 407 7.46 -21.40 -10.90
CA ASP A 407 7.28 -21.61 -9.46
C ASP A 407 5.85 -21.95 -9.05
N LYS A 408 4.91 -21.88 -9.99
CA LYS A 408 3.49 -22.20 -9.74
C LYS A 408 2.85 -21.31 -8.67
N VAL A 409 3.26 -20.04 -8.67
CA VAL A 409 2.70 -19.04 -7.76
C VAL A 409 1.31 -18.68 -8.28
N ASN A 410 0.35 -18.58 -7.37
CA ASN A 410 -1.01 -18.21 -7.75
C ASN A 410 -1.21 -16.68 -7.81
N LEU A 411 -0.44 -16.04 -8.67
CA LEU A 411 -0.59 -14.63 -8.94
C LEU A 411 -1.78 -14.44 -9.88
N GLN A 412 -2.77 -13.65 -9.46
CA GLN A 412 -4.00 -13.45 -10.23
C GLN A 412 -4.19 -12.03 -10.75
N VAL A 413 -3.52 -11.06 -10.13
CA VAL A 413 -3.65 -9.65 -10.51
C VAL A 413 -2.29 -8.97 -10.48
N TYR A 414 -2.00 -8.24 -11.55
CA TYR A 414 -0.89 -7.30 -11.58
C TYR A 414 -1.47 -5.89 -11.70
N CYS A 415 -1.05 -5.02 -10.80
CA CYS A 415 -1.54 -3.65 -10.77
C CYS A 415 -0.39 -2.64 -10.77
N ALA A 416 -0.35 -1.84 -11.83
CA ALA A 416 0.66 -0.81 -11.99
C ALA A 416 0.36 0.42 -11.13
N TRP A 417 1.32 0.85 -10.33
CA TRP A 417 1.28 2.19 -9.74
C TRP A 417 2.04 3.12 -10.68
N SER A 418 1.39 4.10 -11.31
CA SER A 418 0.00 4.48 -11.09
C SER A 418 -0.65 4.70 -12.46
N LEU A 419 -1.97 4.75 -12.50
CA LEU A 419 -2.65 5.19 -13.73
C LEU A 419 -2.13 6.58 -14.14
N LEU A 420 -1.97 7.45 -13.16
CA LEU A 420 -1.71 8.88 -13.38
C LEU A 420 -0.51 9.35 -12.62
N ASP A 421 0.29 10.23 -13.22
CA ASP A 421 1.23 11.05 -12.45
C ASP A 421 0.42 11.75 -11.37
N ASN A 422 0.94 11.78 -10.15
CA ASN A 422 0.15 12.28 -9.03
C ASN A 422 1.02 12.87 -7.91
N PHE A 423 0.38 13.23 -6.80
CA PHE A 423 1.07 13.73 -5.62
C PHE A 423 1.82 12.60 -4.88
N GLU A 424 3.13 12.54 -5.09
CA GLU A 424 3.98 11.51 -4.51
C GLU A 424 4.43 11.93 -3.10
N TRP A 425 3.44 12.07 -2.21
CA TRP A 425 3.68 12.39 -0.80
C TRP A 425 4.74 13.50 -0.63
N ASN A 426 5.82 13.26 0.14
CA ASN A 426 6.81 14.32 0.41
C ASN A 426 7.57 14.83 -0.84
N GLN A 427 7.55 14.02 -1.89
CA GLN A 427 8.17 14.39 -3.17
C GLN A 427 7.26 15.28 -4.00
N GLY A 428 6.00 15.42 -3.58
CA GLY A 428 4.99 16.12 -4.36
C GLY A 428 4.91 15.64 -5.80
N TYR A 429 4.86 16.58 -6.73
CA TYR A 429 4.73 16.27 -8.14
C TYR A 429 6.05 16.07 -8.88
N SER A 430 7.16 16.06 -8.12
CA SER A 430 8.50 15.91 -8.72
C SER A 430 8.83 14.47 -9.13
N SER A 431 8.06 13.51 -8.61
CA SER A 431 8.25 12.10 -8.94
C SER A 431 7.01 11.60 -9.67
N ARG A 432 7.22 11.18 -10.92
CA ARG A 432 6.12 10.89 -11.82
C ARG A 432 5.99 9.38 -12.05
N PHE A 433 5.06 8.74 -11.35
CA PHE A 433 4.85 7.26 -11.48
C PHE A 433 3.85 6.85 -12.54
N GLY A 434 3.14 7.80 -13.15
CA GLY A 434 2.00 7.50 -14.00
C GLY A 434 2.25 6.82 -15.35
N LEU A 435 1.27 6.04 -15.80
CA LEU A 435 1.20 5.55 -17.17
C LEU A 435 0.70 6.68 -18.06
N PHE A 436 -0.05 7.60 -17.46
CA PHE A 436 -0.48 8.84 -18.11
C PHE A 436 0.16 10.04 -17.46
N HIS A 437 0.74 10.89 -18.30
CA HIS A 437 1.30 12.18 -17.89
C HIS A 437 0.16 13.13 -17.53
N VAL A 438 0.35 13.91 -16.47
CA VAL A 438 -0.59 14.95 -16.09
C VAL A 438 0.15 16.30 -16.03
N ASP A 439 -0.46 17.31 -16.64
CA ASP A 439 0.12 18.66 -16.61
C ASP A 439 -0.47 19.42 -15.43
N PHE A 440 0.33 19.55 -14.36
CA PHE A 440 -0.11 20.22 -13.13
C PHE A 440 -0.10 21.75 -13.22
N GLU A 441 0.35 22.28 -14.36
CA GLU A 441 0.41 23.74 -14.55
C GLU A 441 -0.80 24.25 -15.31
N ASP A 442 -1.51 23.33 -15.93
CA ASP A 442 -2.70 23.62 -16.72
C ASP A 442 -3.92 23.32 -15.83
N PRO A 443 -4.85 24.29 -15.69
CA PRO A 443 -6.04 24.15 -14.82
C PRO A 443 -7.00 23.01 -15.18
N ALA A 444 -6.90 22.52 -16.41
CA ALA A 444 -7.72 21.41 -16.87
C ALA A 444 -7.08 20.05 -16.55
N ARG A 445 -5.83 20.06 -16.11
CA ARG A 445 -5.08 18.85 -15.71
C ARG A 445 -5.12 17.73 -16.78
N PRO A 446 -4.75 18.07 -18.03
CA PRO A 446 -4.90 17.12 -19.14
C PRO A 446 -4.03 15.87 -18.95
N ARG A 447 -4.61 14.71 -19.23
CA ARG A 447 -3.90 13.43 -19.23
C ARG A 447 -3.44 13.08 -20.66
N VAL A 448 -2.18 12.66 -20.78
CA VAL A 448 -1.62 12.23 -22.06
C VAL A 448 -0.83 10.94 -21.80
N PRO A 449 -1.02 9.91 -22.64
CA PRO A 449 -0.24 8.68 -22.42
C PRO A 449 1.28 8.82 -22.57
N TYR A 450 2.00 8.16 -21.67
CA TYR A 450 3.39 7.83 -21.91
C TYR A 450 3.42 6.66 -22.90
N THR A 451 4.57 6.41 -23.51
CA THR A 451 4.75 5.19 -24.32
C THR A 451 4.34 3.95 -23.51
N SER A 452 4.69 3.91 -22.23
CA SER A 452 4.34 2.78 -21.34
C SER A 452 2.85 2.45 -21.34
N ALA A 453 2.00 3.47 -21.44
CA ALA A 453 0.55 3.28 -21.51
C ALA A 453 0.18 2.50 -22.76
N LYS A 454 0.76 2.90 -23.89
CA LYS A 454 0.53 2.23 -25.17
C LYS A 454 1.02 0.80 -25.16
N GLU A 455 2.20 0.59 -24.59
CA GLU A 455 2.80 -0.74 -24.56
C GLU A 455 2.08 -1.66 -23.58
N TYR A 456 1.68 -1.10 -22.45
CA TYR A 456 0.95 -1.85 -21.44
C TYR A 456 -0.40 -2.31 -21.98
N ALA A 457 -1.07 -1.45 -22.74
CA ALA A 457 -2.33 -1.83 -23.41
C ALA A 457 -2.15 -3.01 -24.38
N LYS A 458 -0.97 -3.04 -25.04
CA LYS A 458 -0.64 -4.15 -25.94
C LYS A 458 -0.49 -5.45 -25.18
N ILE A 459 0.24 -5.40 -24.06
CA ILE A 459 0.37 -6.52 -23.13
C ILE A 459 -0.99 -7.09 -22.70
N ILE A 460 -1.88 -6.19 -22.27
CA ILE A 460 -3.23 -6.57 -21.83
C ILE A 460 -4.00 -7.23 -22.97
N ARG A 461 -3.99 -6.57 -24.12
CA ARG A 461 -4.70 -7.07 -25.30
C ARG A 461 -4.24 -8.48 -25.71
N ASN A 462 -2.92 -8.71 -25.69
CA ASN A 462 -2.37 -10.03 -26.02
C ASN A 462 -2.34 -11.00 -24.84
N ASN A 463 -2.74 -10.53 -23.66
CA ASN A 463 -2.60 -11.27 -22.41
C ASN A 463 -1.19 -11.86 -22.21
N GLY A 464 -0.19 -11.04 -22.50
CA GLY A 464 1.20 -11.42 -22.31
C GLY A 464 2.13 -10.71 -23.28
N LEU A 465 3.31 -11.30 -23.48
CA LEU A 465 4.38 -10.64 -24.22
C LEU A 465 5.27 -11.65 -24.96
N GLU A 466 6.10 -11.13 -25.86
CA GLU A 466 7.16 -11.93 -26.49
C GLU A 466 8.52 -11.38 -26.11
C1 GLC B . 2.59 2.73 -2.98
C2 GLC B . 1.78 3.73 -2.14
C3 GLC B . 1.44 4.96 -2.99
C4 GLC B . 2.76 5.55 -3.50
C5 GLC B . 3.50 4.47 -4.34
C6 GLC B . 4.82 4.99 -4.89
O2 GLC B . 0.61 3.10 -1.68
O3 GLC B . 0.70 5.90 -2.24
O4 GLC B . 2.55 6.74 -4.22
O5 GLC B . 3.77 3.32 -3.54
O6 GLC B . 5.66 5.27 -3.79
C1 PNG C . 22.98 -6.31 22.78
C2 PNG C . 24.02 -7.26 22.18
C3 PNG C . 23.46 -7.95 20.94
C4 PNG C . 22.07 -8.55 21.19
C5 PNG C . 21.16 -7.49 21.81
C6 PNG C . 19.77 -8.03 22.13
C7 PNG C . 22.96 -4.65 24.59
C8 PNG C . 23.72 -3.96 25.53
C9 PNG C . 23.23 -2.79 26.11
C10 PNG C . 21.96 -2.32 25.77
C11 PNG C . 21.19 -3.02 24.84
C12 PNG C . 21.68 -4.17 24.25
N1 PNG C . 21.46 -1.15 26.36
O1 PNG C . 23.46 -5.79 24.03
O2 PNG C . 25.20 -6.54 21.82
O3 PNG C . 24.34 -9.00 20.53
O4 PNG C . 21.52 -9.05 19.97
O5 PNG C . 21.75 -6.98 23.01
O6 PNG C . 19.82 -8.70 23.39
O7 PNG C . 21.91 -0.76 27.43
O8 PNG C . 20.44 -0.43 25.75
MG MG D . -3.59 -1.74 -2.38
MG MG E . 5.76 0.85 21.51
P PO4 F . 8.11 9.93 0.16
O1 PO4 F . 9.46 10.54 0.46
O2 PO4 F . 7.90 8.67 0.96
O3 PO4 F . 7.04 10.93 0.53
O4 PO4 F . 8.00 9.62 -1.32
C1 PLM G . 10.45 6.03 -0.12
O1 PLM G . 9.77 6.51 -1.06
O2 PLM G . 11.25 6.79 0.49
C2 PLM G . 10.30 4.58 0.25
C3 PLM G . 9.13 4.37 1.19
C4 PLM G . 9.03 2.91 1.62
C5 PLM G . 9.51 2.71 3.06
C6 PLM G . 9.95 1.26 3.30
C7 PLM G . 9.75 0.82 4.76
C8 PLM G . 9.55 -0.69 4.84
C9 PLM G . 8.49 -1.10 5.85
CA PLM G . 9.12 -1.30 7.22
CB PLM G . 8.23 -2.10 8.16
CC PLM G . 8.85 -2.13 9.55
CD PLM G . 8.04 -2.90 10.58
CE PLM G . 6.81 -2.09 10.98
CF PLM G . 6.56 -2.24 12.46
CG PLM G . 6.62 -0.86 13.08
C1 OLA H . 12.73 1.49 9.03
O1 OLA H . 13.42 2.16 8.24
O2 OLA H . 12.51 1.95 10.18
C2 OLA H . 12.16 0.16 8.63
C3 OLA H . 12.98 -0.95 9.27
C4 OLA H . 12.35 -2.30 9.00
C5 OLA H . 13.29 -3.44 9.41
C6 OLA H . 13.44 -4.44 8.28
C7 OLA H . 14.48 -3.97 7.27
C8 OLA H . 13.85 -3.76 5.89
C9 OLA H . 14.83 -3.01 5.04
C10 OLA H . 14.52 -1.65 4.59
C11 OLA H . 15.00 -1.18 3.25
C12 OLA H . 13.94 -0.30 2.60
C13 OLA H . 14.14 -0.23 1.09
C14 OLA H . 13.11 0.69 0.47
C15 OLA H . 13.75 1.94 -0.12
C16 OLA H . 13.72 3.14 0.82
C17 OLA H . 15.10 3.77 0.89
C18 OLA H . 15.02 5.29 0.73
C1 PLM I . 17.65 4.07 25.35
O1 PLM I . 18.86 3.74 25.34
O2 PLM I . 17.08 4.28 24.24
C2 PLM I . 16.91 4.25 26.66
C3 PLM I . 15.48 4.72 26.45
C4 PLM I . 14.82 5.05 27.79
C5 PLM I . 13.91 3.93 28.28
C6 PLM I . 13.54 4.10 29.73
C7 PLM I . 12.29 4.95 29.87
C8 PLM I . 11.99 5.33 31.33
C9 PLM I . 12.72 6.60 31.77
CA PLM I . 11.94 7.85 31.44
CB PLM I . 12.55 9.10 32.10
CC PLM I . 13.72 9.67 31.30
CD PLM I . 13.32 10.93 30.54
CE PLM I . 13.02 10.64 29.07
CF PLM I . 14.24 10.81 28.18
CG PLM I . 13.92 10.50 26.73
C1 GOL J . 13.66 3.75 12.76
O1 GOL J . 12.93 3.21 13.84
C2 GOL J . 15.12 3.80 13.18
O2 GOL J . 15.69 2.51 13.06
C3 GOL J . 15.88 4.77 12.27
O3 GOL J . 17.20 4.85 12.74
#